data_7PQK
#
_entry.id   7PQK
#
_cell.length_a   44.170
_cell.length_b   61.800
_cell.length_c   77.190
_cell.angle_alpha   90.000
_cell.angle_beta   90.000
_cell.angle_gamma   90.000
#
_symmetry.space_group_name_H-M   'P 21 21 21'
#
loop_
_entity.id
_entity.type
_entity.pdbx_description
1 polymer 'Leucine--tRNA ligase'
2 non-polymer (S)-3-(Aminomethyl)-4-chloro-7-(2-hydroxyethoxy)benzo[c][1,2]oxaborol-1(3H)-ol
3 non-polymer 1,2-ETHANEDIOL
4 water water
#
_entity_poly.entity_id   1
_entity_poly.type   'polypeptide(L)'
_entity_poly.pdbx_seq_one_letter_code
;MKHHHHHHPMSDYDIPTTENLYFQGAMGRSMGAVALFSARAASDDGFEVDIEVFTTRPDTLFGATYLVLAPEHDLVDELV
AASWPAGVNPLWTYGGGTPGEAIAAYRRAIAAKSDLERQESREKTGVFLGSYAINPANGEPVPIFIADYVLAGYGTGAIM
AVPGHDQRDWDFARAFGLPIVEVIAGGNISESAYTGDGILVNSDYLNGMSVPAAKRAIVDRLESAGRGRARI
;
_entity_poly.pdbx_strand_id   A
#
# COMPACT_ATOMS: atom_id res chain seq x y z
N MET A 1 27.06 5.37 -12.93
CA MET A 1 25.64 5.71 -13.08
C MET A 1 24.49 5.26 -12.08
N GLY A 32 14.40 2.40 -8.12
CA GLY A 32 13.21 1.77 -7.53
C GLY A 32 13.16 0.28 -7.60
N ALA A 33 11.96 -0.28 -7.41
CA ALA A 33 11.80 -1.71 -7.45
C ALA A 33 10.36 -2.00 -7.75
N VAL A 34 10.12 -3.19 -8.31
CA VAL A 34 8.82 -3.78 -8.37
C VAL A 34 8.82 -4.97 -7.44
N ALA A 35 7.66 -5.22 -6.80
CA ALA A 35 7.54 -6.31 -5.89
C ALA A 35 6.14 -6.85 -5.95
N LEU A 36 6.01 -8.16 -5.72
CA LEU A 36 4.71 -8.83 -5.65
C LEU A 36 4.25 -8.96 -4.22
N PHE A 37 2.95 -8.75 -4.02
CA PHE A 37 2.25 -9.09 -2.79
C PHE A 37 1.21 -10.10 -3.18
N SER A 38 1.22 -11.28 -2.57
CA SER A 38 0.24 -12.32 -2.87
CA SER A 38 0.22 -12.32 -2.88
CA SER A 38 0.21 -12.28 -2.92
C SER A 38 -1.12 -11.97 -2.22
N ALA A 39 -2.22 -12.22 -2.92
CA ALA A 39 -3.53 -12.15 -2.29
C ALA A 39 -3.53 -13.19 -1.13
N ARG A 40 -4.14 -12.90 0.03
CA ARG A 40 -4.23 -13.93 1.07
CA ARG A 40 -4.30 -13.88 1.11
C ARG A 40 -5.18 -15.04 0.69
N ALA A 41 -6.28 -14.72 0.00
CA ALA A 41 -7.24 -15.71 -0.43
C ALA A 41 -6.92 -16.17 -1.85
N VAL A 49 -3.24 -15.08 -6.93
CA VAL A 49 -3.35 -13.78 -7.57
C VAL A 49 -2.22 -12.93 -6.94
N ASP A 50 -1.39 -12.32 -7.75
CA ASP A 50 -0.33 -11.46 -7.24
C ASP A 50 -0.57 -10.03 -7.64
N ILE A 51 -0.32 -9.13 -6.71
CA ILE A 51 -0.41 -7.70 -6.96
C ILE A 51 0.97 -7.13 -7.04
N GLU A 52 1.31 -6.60 -8.21
CA GLU A 52 2.64 -5.98 -8.42
C GLU A 52 2.58 -4.48 -8.09
N VAL A 53 3.49 -4.05 -7.26
CA VAL A 53 3.60 -2.64 -6.88
C VAL A 53 4.91 -2.09 -7.42
N PHE A 54 4.98 -0.79 -7.64
CA PHE A 54 6.23 -0.08 -7.95
C PHE A 54 6.50 0.89 -6.81
N THR A 55 7.74 0.83 -6.28
CA THR A 55 8.13 1.72 -5.23
C THR A 55 9.54 2.27 -5.45
N THR A 56 9.75 3.53 -5.06
CA THR A 56 11.14 4.11 -4.99
C THR A 56 11.71 3.92 -3.64
N ARG A 57 11.12 3.26 -2.68
CA ARG A 57 11.47 2.95 -1.37
C ARG A 57 11.35 1.56 -0.87
N PRO A 58 12.00 0.62 -1.63
CA PRO A 58 11.84 -0.77 -1.23
C PRO A 58 12.38 -1.03 0.17
N ASP A 59 13.33 -0.20 0.63
CA ASP A 59 13.85 -0.31 1.98
C ASP A 59 12.79 -0.26 3.07
N THR A 60 11.65 0.34 2.77
CA THR A 60 10.59 0.54 3.75
C THR A 60 9.56 -0.58 3.77
N LEU A 61 9.86 -1.72 3.10
N LEU A 61 9.84 -1.71 3.10
CA LEU A 61 8.87 -2.80 2.96
CA LEU A 61 8.83 -2.76 2.98
C LEU A 61 8.27 -3.31 4.26
C LEU A 61 8.23 -3.21 4.29
N PHE A 62 9.05 -3.32 5.34
CA PHE A 62 8.51 -3.76 6.63
C PHE A 62 7.52 -2.77 7.28
N GLY A 63 7.42 -1.59 6.69
CA GLY A 63 6.46 -0.57 7.12
C GLY A 63 5.26 -0.42 6.21
N ALA A 64 5.11 -1.30 5.23
CA ALA A 64 3.92 -1.25 4.37
C ALA A 64 2.77 -1.90 5.05
N THR A 65 1.75 -1.11 5.43
CA THR A 65 0.64 -1.56 6.24
C THR A 65 -0.69 -1.74 5.49
N TYR A 66 -0.69 -1.36 4.23
CA TYR A 66 -1.88 -1.58 3.34
C TYR A 66 -1.41 -1.40 1.90
N LEU A 67 -2.26 -1.85 0.95
CA LEU A 67 -2.02 -1.67 -0.45
C LEU A 67 -3.09 -0.78 -1.00
N VAL A 68 -2.79 -0.03 -2.06
CA VAL A 68 -3.76 0.80 -2.73
C VAL A 68 -3.65 0.61 -4.26
N LEU A 69 -4.78 0.23 -4.88
CA LEU A 69 -4.87 0.07 -6.30
C LEU A 69 -5.61 1.28 -6.90
N ALA A 70 -5.28 1.63 -8.16
CA ALA A 70 -6.09 2.59 -8.90
C ALA A 70 -7.51 2.06 -8.98
N PRO A 71 -8.53 2.95 -8.99
CA PRO A 71 -9.93 2.46 -9.02
C PRO A 71 -10.22 1.61 -10.25
N GLU A 72 -9.47 1.80 -11.36
CA GLU A 72 -9.71 1.10 -12.60
C GLU A 72 -8.75 -0.12 -12.79
N HIS A 73 -7.96 -0.42 -11.76
CA HIS A 73 -7.00 -1.53 -11.87
C HIS A 73 -7.73 -2.82 -12.21
N ASP A 74 -7.15 -3.57 -13.13
N ASP A 74 -7.17 -3.60 -13.12
CA ASP A 74 -7.74 -4.84 -13.62
CA ASP A 74 -7.88 -4.79 -13.61
C ASP A 74 -8.14 -5.82 -12.51
C ASP A 74 -7.94 -6.00 -12.64
N LEU A 75 -7.35 -5.88 -11.45
CA LEU A 75 -7.54 -6.89 -10.43
C LEU A 75 -8.63 -6.56 -9.43
N VAL A 76 -9.09 -5.30 -9.41
CA VAL A 76 -10.03 -4.91 -8.37
C VAL A 76 -11.25 -5.84 -8.33
N ASP A 77 -11.85 -6.09 -9.47
CA ASP A 77 -13.11 -6.81 -9.46
C ASP A 77 -12.92 -8.22 -8.93
N GLU A 78 -11.76 -8.81 -9.24
CA GLU A 78 -11.43 -10.15 -8.75
C GLU A 78 -11.14 -10.22 -7.28
N LEU A 79 -10.61 -9.14 -6.74
CA LEU A 79 -10.17 -9.11 -5.36
C LEU A 79 -11.29 -8.75 -4.40
N VAL A 80 -12.38 -8.18 -4.94
CA VAL A 80 -13.46 -7.71 -4.13
C VAL A 80 -14.13 -8.89 -3.44
N ALA A 81 -14.30 -8.81 -2.12
CA ALA A 81 -15.01 -9.85 -1.34
C ALA A 81 -16.51 -9.75 -1.43
N ALA A 82 -17.17 -10.90 -1.22
CA ALA A 82 -18.64 -10.95 -1.27
C ALA A 82 -19.32 -10.15 -0.14
N SER A 83 -18.64 -10.08 1.01
N SER A 83 -18.66 -10.07 1.00
CA SER A 83 -19.22 -9.46 2.21
CA SER A 83 -19.24 -9.37 2.16
C SER A 83 -18.13 -8.78 3.01
C SER A 83 -18.14 -8.70 2.93
N TRP A 84 -18.51 -7.76 3.78
CA TRP A 84 -17.55 -7.10 4.66
C TRP A 84 -17.14 -8.07 5.77
N PRO A 85 -15.84 -8.04 6.14
N PRO A 85 -15.87 -8.02 6.18
CA PRO A 85 -15.40 -8.70 7.39
CA PRO A 85 -15.64 -8.92 7.31
C PRO A 85 -16.27 -8.27 8.58
C PRO A 85 -16.26 -8.31 8.56
N ALA A 86 -16.49 -9.14 9.57
CA ALA A 86 -17.07 -8.67 10.83
C ALA A 86 -16.16 -7.58 11.43
N GLY A 87 -16.77 -6.56 12.02
CA GLY A 87 -16.05 -5.52 12.71
C GLY A 87 -15.38 -4.49 11.83
N VAL A 88 -15.66 -4.48 10.53
CA VAL A 88 -15.05 -3.49 9.62
C VAL A 88 -15.28 -2.05 10.10
N ASN A 89 -14.25 -1.21 9.99
CA ASN A 89 -14.37 0.21 10.31
C ASN A 89 -15.35 0.82 9.30
N PRO A 90 -16.45 1.43 9.75
N PRO A 90 -16.37 1.54 9.78
CA PRO A 90 -17.37 2.03 8.75
CA PRO A 90 -17.36 2.07 8.83
C PRO A 90 -16.75 3.12 7.87
C PRO A 90 -16.72 3.05 7.84
N LEU A 91 -15.63 3.71 8.24
CA LEU A 91 -14.94 4.66 7.36
C LEU A 91 -14.42 3.99 6.10
N TRP A 92 -14.29 2.66 6.10
CA TRP A 92 -13.65 1.93 5.01
C TRP A 92 -14.66 1.50 3.94
N THR A 93 -15.96 1.61 4.20
CA THR A 93 -16.97 0.93 3.39
C THR A 93 -17.71 1.82 2.41
N TYR A 94 -17.45 3.12 2.44
CA TYR A 94 -18.10 4.09 1.55
C TYR A 94 -19.62 4.09 1.75
N GLY A 95 -20.09 3.59 2.88
CA GLY A 95 -21.50 3.46 3.10
C GLY A 95 -22.19 2.37 2.30
N GLY A 96 -21.44 1.50 1.65
CA GLY A 96 -22.06 0.45 0.85
C GLY A 96 -22.33 -0.79 1.65
N GLY A 97 -23.41 -1.50 1.31
CA GLY A 97 -23.75 -2.68 2.08
C GLY A 97 -22.87 -3.88 1.83
N THR A 98 -22.24 -3.90 0.66
CA THR A 98 -21.26 -4.93 0.31
C THR A 98 -20.10 -4.24 -0.38
N PRO A 99 -18.95 -4.91 -0.42
CA PRO A 99 -17.80 -4.35 -1.12
C PRO A 99 -18.09 -4.04 -2.58
N GLY A 100 -18.79 -4.92 -3.29
CA GLY A 100 -19.06 -4.65 -4.69
C GLY A 100 -19.91 -3.41 -4.88
N GLU A 101 -20.91 -3.23 -4.06
CA GLU A 101 -21.75 -2.03 -4.14
C GLU A 101 -20.90 -0.77 -3.85
N ALA A 102 -20.04 -0.86 -2.85
CA ALA A 102 -19.21 0.28 -2.46
C ALA A 102 -18.22 0.65 -3.57
N ILE A 103 -17.58 -0.34 -4.17
N ILE A 103 -17.63 -0.34 -4.23
CA ILE A 103 -16.67 -0.06 -5.26
CA ILE A 103 -16.70 -0.05 -5.32
C ILE A 103 -17.40 0.56 -6.48
C ILE A 103 -17.42 0.58 -6.50
N ALA A 104 -18.58 0.05 -6.85
CA ALA A 104 -19.36 0.61 -7.91
C ALA A 104 -19.73 2.06 -7.61
N ALA A 105 -20.09 2.35 -6.36
CA ALA A 105 -20.47 3.73 -6.00
C ALA A 105 -19.27 4.66 -6.02
N TYR A 106 -18.11 4.19 -5.56
CA TYR A 106 -16.90 4.99 -5.58
C TYR A 106 -16.56 5.35 -6.97
N ARG A 107 -16.60 4.36 -7.90
CA ARG A 107 -16.29 4.63 -9.30
C ARG A 107 -17.28 5.65 -9.88
N ARG A 108 -18.54 5.51 -9.55
CA ARG A 108 -19.55 6.44 -10.08
C ARG A 108 -19.33 7.86 -9.49
N ALA A 109 -19.05 7.95 -8.19
CA ALA A 109 -18.88 9.25 -7.55
C ALA A 109 -17.66 10.00 -8.08
N ILE A 110 -16.55 9.30 -8.29
CA ILE A 110 -15.35 10.02 -8.62
C ILE A 110 -15.47 10.52 -10.07
N ALA A 111 -16.39 9.97 -10.84
CA ALA A 111 -16.67 10.47 -12.17
C ALA A 111 -17.32 11.88 -12.12
N ALA A 112 -17.89 12.27 -10.98
CA ALA A 112 -18.46 13.63 -10.76
C ALA A 112 -17.39 14.65 -10.38
N LYS A 113 -16.16 14.23 -10.16
CA LYS A 113 -15.07 15.16 -9.84
C LYS A 113 -14.65 15.84 -11.11
N SER A 114 -14.12 17.04 -10.98
CA SER A 114 -13.55 17.79 -12.08
C SER A 114 -12.04 17.93 -11.90
N ASP A 115 -11.43 18.63 -12.86
CA ASP A 115 -10.01 18.91 -12.77
C ASP A 115 -9.71 19.65 -11.45
N LEU A 116 -10.62 20.50 -10.97
CA LEU A 116 -10.42 21.22 -9.76
C LEU A 116 -10.18 20.29 -8.61
N GLU A 117 -11.03 19.28 -8.44
CA GLU A 117 -10.85 18.34 -7.35
C GLU A 117 -9.62 17.48 -7.56
N ARG A 118 -9.34 17.09 -8.81
CA ARG A 118 -8.24 16.15 -9.06
C ARG A 118 -6.89 16.81 -8.83
N GLN A 119 -6.83 18.13 -8.83
CA GLN A 119 -5.53 18.77 -8.65
C GLN A 119 -5.41 19.25 -7.19
N GLU A 120 -6.53 19.31 -6.47
CA GLU A 120 -6.50 19.31 -4.99
C GLU A 120 -6.06 17.89 -4.54
N SER A 121 -5.58 17.76 -3.31
CA SER A 121 -4.96 16.49 -2.88
C SER A 121 -4.97 16.42 -1.36
N ARG A 122 -5.63 17.41 -0.76
CA ARG A 122 -5.69 17.50 0.70
C ARG A 122 -6.44 16.26 1.21
N GLU A 123 -7.57 15.97 0.59
CA GLU A 123 -8.44 14.92 1.09
C GLU A 123 -8.27 13.58 0.36
N LYS A 124 -8.04 12.60 1.18
CA LYS A 124 -7.83 11.27 0.68
C LYS A 124 -9.09 10.46 0.88
N THR A 125 -9.65 9.92 -0.20
CA THR A 125 -10.83 9.06 -0.11
C THR A 125 -10.50 7.71 -0.70
N GLY A 126 -11.32 6.72 -0.42
CA GLY A 126 -11.13 5.38 -0.94
C GLY A 126 -12.02 4.38 -0.32
N VAL A 127 -11.84 3.13 -0.72
CA VAL A 127 -12.76 2.03 -0.32
CA VAL A 127 -12.71 2.11 -0.20
C VAL A 127 -11.94 0.77 -0.12
N PHE A 128 -12.19 0.09 0.95
CA PHE A 128 -11.63 -1.25 1.21
C PHE A 128 -12.30 -2.28 0.32
N LEU A 129 -11.49 -3.20 -0.23
CA LEU A 129 -12.06 -4.23 -1.10
C LEU A 129 -12.66 -5.39 -0.33
N GLY A 130 -12.40 -5.44 0.97
CA GLY A 130 -12.86 -6.51 1.82
C GLY A 130 -11.90 -7.67 1.90
N SER A 131 -10.73 -7.53 1.27
N SER A 131 -10.74 -7.53 1.23
CA SER A 131 -9.76 -8.63 1.21
CA SER A 131 -9.75 -8.59 1.11
C SER A 131 -8.35 -8.10 1.51
C SER A 131 -8.39 -8.11 1.58
N TYR A 132 -7.47 -9.06 1.72
CA TYR A 132 -6.12 -8.83 2.21
C TYR A 132 -5.05 -9.38 1.27
N ALA A 133 -3.88 -8.79 1.33
CA ALA A 133 -2.69 -9.31 0.67
C ALA A 133 -1.67 -9.66 1.73
N ILE A 134 -0.63 -10.37 1.35
CA ILE A 134 0.43 -10.70 2.27
C ILE A 134 1.70 -9.89 1.98
N ASN A 135 2.17 -9.15 2.98
CA ASN A 135 3.42 -8.43 2.83
C ASN A 135 4.55 -9.46 2.80
N PRO A 136 5.34 -9.46 1.71
CA PRO A 136 6.32 -10.53 1.53
C PRO A 136 7.46 -10.44 2.54
N ALA A 137 7.71 -9.26 3.10
CA ALA A 137 8.82 -9.12 4.04
C ALA A 137 8.53 -9.74 5.40
N ASN A 138 7.32 -9.50 5.90
CA ASN A 138 6.99 -9.92 7.28
C ASN A 138 5.89 -11.01 7.33
N GLY A 139 5.31 -11.38 6.17
CA GLY A 139 4.29 -12.38 6.11
C GLY A 139 2.96 -11.95 6.67
N GLU A 140 2.82 -10.66 6.99
CA GLU A 140 1.59 -10.17 7.61
CA GLU A 140 1.59 -10.18 7.59
C GLU A 140 0.52 -9.81 6.59
N PRO A 141 -0.75 -10.04 6.94
CA PRO A 141 -1.84 -9.61 6.08
C PRO A 141 -1.98 -8.12 6.14
N VAL A 142 -2.22 -7.50 4.99
CA VAL A 142 -2.48 -6.05 4.89
C VAL A 142 -3.74 -5.84 4.07
N PRO A 143 -4.61 -4.90 4.46
CA PRO A 143 -5.83 -4.68 3.71
C PRO A 143 -5.59 -4.02 2.37
N ILE A 144 -6.46 -4.33 1.39
CA ILE A 144 -6.34 -3.78 0.05
C ILE A 144 -7.44 -2.75 -0.13
N PHE A 145 -7.09 -1.57 -0.64
CA PHE A 145 -8.03 -0.48 -0.94
C PHE A 145 -7.92 -0.09 -2.41
N ILE A 146 -8.96 0.57 -2.92
CA ILE A 146 -8.82 1.46 -4.07
C ILE A 146 -8.89 2.89 -3.56
N ALA A 147 -8.22 3.80 -4.26
CA ALA A 147 -8.27 5.21 -3.93
C ALA A 147 -7.85 5.98 -5.15
N ASP A 148 -8.50 7.12 -5.39
CA ASP A 148 -8.18 7.87 -6.55
C ASP A 148 -6.87 8.64 -6.46
N TYR A 149 -6.15 8.64 -5.34
CA TYR A 149 -4.81 9.21 -5.35
C TYR A 149 -3.82 8.34 -6.13
N VAL A 150 -4.18 7.06 -6.40
CA VAL A 150 -3.34 6.14 -7.18
C VAL A 150 -3.83 6.12 -8.62
N LEU A 151 -2.95 6.43 -9.57
CA LEU A 151 -3.26 6.62 -10.95
C LEU A 151 -3.10 5.34 -11.78
N ALA A 152 -4.10 4.99 -12.57
CA ALA A 152 -4.11 3.69 -13.25
C ALA A 152 -3.01 3.50 -14.24
N GLY A 153 -2.64 4.55 -14.91
CA GLY A 153 -1.67 4.41 -15.99
C GLY A 153 -0.24 4.80 -15.68
N TYR A 154 0.12 4.76 -14.41
CA TYR A 154 1.49 5.06 -13.98
C TYR A 154 2.05 3.89 -13.15
N GLY A 155 3.32 3.58 -13.33
CA GLY A 155 3.90 2.47 -12.59
C GLY A 155 3.14 1.21 -12.98
N THR A 156 2.72 0.45 -11.99
CA THR A 156 1.90 -0.75 -12.20
C THR A 156 0.44 -0.48 -11.87
N GLY A 157 0.07 0.79 -11.55
CA GLY A 157 -1.27 1.09 -11.08
C GLY A 157 -1.57 0.67 -9.68
N ALA A 158 -0.55 0.27 -8.91
CA ALA A 158 -0.74 -0.14 -7.52
C ALA A 158 0.50 0.27 -6.72
N ILE A 159 0.27 0.62 -5.46
CA ILE A 159 1.33 0.96 -4.54
C ILE A 159 1.27 0.10 -3.31
N MET A 160 2.44 0.01 -2.64
CA MET A 160 2.45 -0.32 -1.25
C MET A 160 2.39 1.01 -0.47
N ALA A 161 1.59 1.05 0.56
CA ALA A 161 1.42 2.25 1.39
C ALA A 161 2.24 2.12 2.64
N VAL A 162 3.11 3.12 2.89
CA VAL A 162 4.02 3.18 4.00
C VAL A 162 3.78 4.53 4.69
N PRO A 163 2.77 4.61 5.53
CA PRO A 163 2.41 5.91 6.12
CA PRO A 163 2.41 5.91 6.11
C PRO A 163 3.53 6.52 6.94
N GLY A 164 4.44 5.70 7.48
CA GLY A 164 5.50 6.33 8.29
C GLY A 164 6.43 7.20 7.49
N HIS A 165 6.50 6.98 6.18
CA HIS A 165 7.59 7.51 5.34
C HIS A 165 7.16 8.17 4.03
N ASP A 166 5.84 8.20 3.74
CA ASP A 166 5.31 8.86 2.57
C ASP A 166 4.11 9.67 3.09
N GLN A 167 4.19 11.00 2.96
CA GLN A 167 3.13 11.84 3.51
C GLN A 167 1.74 11.57 2.90
N ARG A 168 1.68 11.17 1.63
CA ARG A 168 0.41 10.83 1.00
C ARG A 168 -0.25 9.67 1.74
N ASP A 169 0.55 8.64 2.06
CA ASP A 169 0.07 7.49 2.76
C ASP A 169 -0.19 7.82 4.24
N TRP A 170 0.57 8.72 4.85
CA TRP A 170 0.33 9.18 6.21
C TRP A 170 -1.08 9.81 6.29
N ASP A 171 -1.33 10.72 5.37
CA ASP A 171 -2.64 11.39 5.32
C ASP A 171 -3.77 10.37 5.17
N PHE A 172 -3.66 9.41 4.28
CA PHE A 172 -4.71 8.43 4.05
C PHE A 172 -4.87 7.61 5.32
N ALA A 173 -3.77 7.17 5.92
CA ALA A 173 -3.83 6.32 7.11
C ALA A 173 -4.49 7.04 8.26
N ARG A 174 -4.16 8.33 8.44
CA ARG A 174 -4.80 9.10 9.52
C ARG A 174 -6.31 9.23 9.29
N ALA A 175 -6.69 9.45 8.04
CA ALA A 175 -8.15 9.59 7.68
C ALA A 175 -8.90 8.28 7.86
N PHE A 176 -8.29 7.13 7.67
CA PHE A 176 -8.93 5.84 7.72
C PHE A 176 -8.63 5.02 8.99
N GLY A 177 -7.78 5.49 9.87
CA GLY A 177 -7.45 4.69 11.01
C GLY A 177 -6.59 3.46 10.71
N LEU A 178 -5.65 3.59 9.77
CA LEU A 178 -4.77 2.49 9.39
C LEU A 178 -3.46 2.58 10.18
N PRO A 179 -2.75 1.46 10.39
CA PRO A 179 -1.52 1.51 11.18
C PRO A 179 -0.43 2.33 10.53
N ILE A 180 0.30 3.07 11.35
CA ILE A 180 1.47 3.85 10.92
C ILE A 180 2.68 3.34 11.69
N VAL A 181 3.64 2.78 10.94
CA VAL A 181 4.81 2.07 11.48
C VAL A 181 6.08 2.76 11.07
N GLU A 182 6.96 3.02 12.02
CA GLU A 182 8.28 3.55 11.75
C GLU A 182 9.25 2.43 11.38
N VAL A 183 9.87 2.56 10.24
CA VAL A 183 10.98 1.66 9.84
C VAL A 183 12.27 2.41 9.53
N ILE A 184 12.24 3.74 9.38
CA ILE A 184 13.43 4.57 9.18
C ILE A 184 13.49 5.50 10.38
N ALA A 185 14.47 5.33 11.26
CA ALA A 185 14.69 6.25 12.36
C ALA A 185 15.27 7.53 11.81
N GLY A 186 14.85 8.66 12.43
CA GLY A 186 15.35 9.96 12.06
C GLY A 186 14.37 11.09 12.25
N GLY A 187 13.07 10.79 12.20
CA GLY A 187 12.02 11.77 12.35
C GLY A 187 11.07 11.45 13.47
N ASN A 188 9.85 11.93 13.36
CA ASN A 188 8.84 11.74 14.38
C ASN A 188 7.49 11.43 13.73
N ILE A 189 7.19 10.16 13.58
CA ILE A 189 6.06 9.77 12.76
C ILE A 189 4.71 10.13 13.36
N SER A 190 4.68 10.50 14.64
CA SER A 190 3.43 10.94 15.26
C SER A 190 3.08 12.31 14.75
N GLU A 191 4.03 13.05 14.19
CA GLU A 191 3.84 14.40 13.69
C GLU A 191 3.69 14.45 12.17
N SER A 192 4.50 13.69 11.44
CA SER A 192 4.41 13.71 10.00
C SER A 192 5.22 12.54 9.50
N ALA A 193 5.05 12.19 8.24
CA ALA A 193 5.91 11.16 7.61
C ALA A 193 7.37 11.63 7.63
N TYR A 194 8.29 10.70 7.82
CA TYR A 194 9.72 11.01 7.83
C TYR A 194 10.28 10.51 6.49
N THR A 195 10.68 11.43 5.61
CA THR A 195 10.99 11.10 4.22
C THR A 195 12.50 11.08 3.94
N GLY A 196 13.34 11.37 4.94
CA GLY A 196 14.77 11.48 4.73
C GLY A 196 15.55 10.20 4.97
N ASP A 197 16.88 10.37 4.95
CA ASP A 197 17.77 9.26 5.20
CA ASP A 197 17.78 9.20 5.17
C ASP A 197 17.74 8.85 6.68
N GLY A 198 18.29 7.70 7.04
CA GLY A 198 18.26 7.32 8.42
C GLY A 198 18.75 5.92 8.60
N ILE A 199 18.27 5.27 9.65
CA ILE A 199 18.73 3.95 10.09
C ILE A 199 17.53 3.03 10.25
N LEU A 200 17.60 1.83 9.69
CA LEU A 200 16.45 0.90 9.68
C LEU A 200 16.17 0.38 11.10
N VAL A 201 14.88 0.36 11.41
CA VAL A 201 14.36 -0.18 12.64
C VAL A 201 13.09 -1.04 12.30
N ASN A 202 12.77 -1.96 13.18
CA ASN A 202 11.54 -2.73 13.07
C ASN A 202 11.49 -3.52 11.74
N SER A 203 12.67 -3.91 11.26
CA SER A 203 12.84 -4.44 9.90
C SER A 203 13.79 -5.65 9.90
N ASP A 204 13.80 -6.41 10.98
CA ASP A 204 14.50 -7.73 11.05
CA ASP A 204 14.47 -7.71 10.99
C ASP A 204 15.91 -7.58 10.45
N TYR A 205 16.22 -8.29 9.34
CA TYR A 205 17.55 -8.39 8.81
C TYR A 205 18.05 -7.11 8.12
N LEU A 206 17.23 -6.07 8.06
CA LEU A 206 17.69 -4.77 7.63
C LEU A 206 18.14 -3.90 8.79
N ASN A 207 17.83 -4.27 10.02
CA ASN A 207 17.97 -3.35 11.17
C ASN A 207 19.41 -2.85 11.31
N GLY A 208 19.54 -1.53 11.52
CA GLY A 208 20.83 -0.87 11.68
C GLY A 208 21.43 -0.36 10.39
N MET A 209 20.94 -0.82 9.24
CA MET A 209 21.43 -0.34 7.94
C MET A 209 21.03 1.08 7.65
N SER A 210 21.80 1.75 6.81
CA SER A 210 21.40 2.98 6.15
C SER A 210 20.33 2.70 5.11
N VAL A 211 19.68 3.76 4.65
CA VAL A 211 18.67 3.61 3.62
C VAL A 211 19.28 3.01 2.32
N PRO A 212 20.44 3.51 1.82
CA PRO A 212 20.98 2.93 0.60
C PRO A 212 21.36 1.46 0.74
N ALA A 213 21.90 1.10 1.89
CA ALA A 213 22.30 -0.28 2.12
C ALA A 213 21.04 -1.18 2.22
N ALA A 214 20.00 -0.70 2.87
CA ALA A 214 18.77 -1.46 3.03
C ALA A 214 18.09 -1.65 1.69
N LYS A 215 18.14 -0.65 0.82
CA LYS A 215 17.53 -0.81 -0.52
C LYS A 215 18.22 -1.96 -1.26
N ARG A 216 19.54 -2.01 -1.17
CA ARG A 216 20.23 -3.10 -1.86
CA ARG A 216 20.27 -3.09 -1.82
C ARG A 216 19.91 -4.45 -1.22
N ALA A 217 19.85 -4.53 0.10
CA ALA A 217 19.62 -5.78 0.79
C ALA A 217 18.22 -6.29 0.49
N ILE A 218 17.19 -5.43 0.53
CA ILE A 218 15.87 -5.91 0.27
C ILE A 218 15.64 -6.36 -1.18
N VAL A 219 16.26 -5.66 -2.13
CA VAL A 219 16.20 -6.15 -3.51
C VAL A 219 16.87 -7.48 -3.67
N ASP A 220 18.01 -7.66 -3.02
CA ASP A 220 18.66 -8.97 -3.01
CA ASP A 220 18.64 -8.98 -3.09
C ASP A 220 17.69 -10.06 -2.50
N ARG A 221 17.02 -9.77 -1.40
CA ARG A 221 16.10 -10.75 -0.85
C ARG A 221 14.95 -11.03 -1.80
N LEU A 222 14.37 -9.97 -2.37
CA LEU A 222 13.28 -10.12 -3.31
C LEU A 222 13.72 -10.97 -4.49
N GLU A 223 14.91 -10.73 -5.00
CA GLU A 223 15.38 -11.53 -6.14
C GLU A 223 15.61 -12.96 -5.74
N SER A 224 16.17 -13.20 -4.55
CA SER A 224 16.42 -14.58 -4.10
CA SER A 224 16.41 -14.59 -4.10
CA SER A 224 16.42 -14.59 -4.19
C SER A 224 15.11 -15.37 -4.04
N ALA A 225 14.04 -14.70 -3.67
CA ALA A 225 12.72 -15.32 -3.49
C ALA A 225 11.94 -15.33 -4.79
N GLY A 226 12.42 -14.62 -5.81
CA GLY A 226 11.69 -14.52 -7.05
C GLY A 226 10.46 -13.58 -7.05
N ARG A 227 10.46 -12.62 -6.12
CA ARG A 227 9.26 -11.82 -5.83
C ARG A 227 9.46 -10.36 -6.18
N GLY A 228 10.59 -9.97 -6.76
CA GLY A 228 10.75 -8.58 -7.16
C GLY A 228 12.04 -8.36 -7.89
N ARG A 229 12.21 -7.12 -8.35
CA ARG A 229 13.36 -6.68 -9.13
C ARG A 229 13.64 -5.21 -8.87
N ALA A 230 14.90 -4.80 -9.00
CA ALA A 230 15.22 -3.38 -9.09
C ALA A 230 14.78 -2.87 -10.45
N ARG A 231 14.27 -1.62 -10.51
CA ARG A 231 13.89 -1.02 -11.78
CA ARG A 231 13.87 -0.98 -11.77
C ARG A 231 14.28 0.47 -11.76
N ILE A 232 14.61 1.06 -12.92
CA ILE A 232 14.91 2.52 -13.04
C ILE A 232 13.64 3.32 -12.74
#